data_7FJC
#
_entry.id   7FJC
#
_cell.length_a   165.110
_cell.length_b   42.113
_cell.length_c   122.089
_cell.angle_alpha   90.000
_cell.angle_beta   102.790
_cell.angle_gamma   90.000
#
_symmetry.space_group_name_H-M   'C 1 2 1'
#
loop_
_entity.id
_entity.type
_entity.pdbx_description
1 polymer 'P36-5D2 heavy chain'
2 polymer 'P36-5D2 light chain'
3 polymer 'Spike protein S1'
4 branched alpha-L-fucopyranose-(1-6)-2-acetamido-2-deoxy-beta-D-glucopyranose
#
loop_
_entity_poly.entity_id
_entity_poly.type
_entity_poly.pdbx_seq_one_letter_code
_entity_poly.pdbx_strand_id
1 'polypeptide(L)'
;QVQLVQSGAEVKKPGASVKVSCKASGYTFTTYAMHWVRQAPGQRLEWMGWINAGNGNTKYSQKFQGRVTITRDTSASTAY
MELSSLRSEDTAVYYCAGGGGRRLQFDYFDYWGQGTLVTVSSASTKGPSVFPLAPSSKSTSGGTAALGCLVKDYFPEPVT
VSWNSGALTSGVHTFPAVLQSSGLYSLSSVVTVPSSSLGTQTYICNVNHKPSNTKVDKKVEP
;
H
2 'polypeptide(L)'
;DIQMTQSPSTLSASVGDRVTITCRASQSISSWLAWYQQKPGKAPKLLIYDASSLESGVPSRFSGSGSGTEFTLTISSLQP
DDFATYYCQQYNGYPWTFGQGTKVEIKRTVAAPSVFIFPPSDEQLKSGTASVVCLLNNFYPREAKVQWKVDNALQSGNSQ
ESVTEQDSKDSTYSLSSTLTLSKADYEKHKVYACEVTHQGLSSPVTKSFNRGEC
;
L
3 'polypeptide(L)'
;TNLCPFGEVFNATRFASVYAWNRKRISNCVADYSVLYNSASFSTFKCYGVSPTKLNDLCFTNVYADSFVIRGDEVRQIAP
GQTGNIADYNYKLPDDFTGCVIAWNSNNLDSKVGGNYNYLYRLFRKSNLKPFERDISTEIYQAGSTPCNGVEGFNCYFPL
QSYGFQPTYGVGYQPYRVVVLSFLLLH
;
E
#
loop_
_chem_comp.id
_chem_comp.type
_chem_comp.name
_chem_comp.formula
FUC L-saccharide, alpha linking alpha-L-fucopyranose 'C6 H12 O5'
NAG D-saccharide, beta linking 2-acetamido-2-deoxy-beta-D-glucopyranose 'C8 H15 N O6'
#
# COMPACT_ATOMS: atom_id res chain seq x y z
N VAL A 2 16.17 8.64 6.32
CA VAL A 2 15.72 8.42 4.93
C VAL A 2 14.37 9.11 4.70
N GLN A 3 14.36 10.17 3.89
CA GLN A 3 13.20 11.05 3.78
C GLN A 3 12.85 11.29 2.33
N LEU A 4 11.60 11.02 1.95
CA LEU A 4 11.12 11.17 0.59
C LEU A 4 10.08 12.28 0.55
N VAL A 5 10.32 13.30 -0.25
CA VAL A 5 9.43 14.44 -0.35
C VAL A 5 9.06 14.66 -1.82
N GLN A 6 7.78 14.49 -2.14
CA GLN A 6 7.32 14.55 -3.53
C GLN A 6 6.86 15.96 -3.87
N SER A 7 6.30 16.10 -5.07
CA SER A 7 6.02 17.40 -5.69
C SER A 7 4.52 17.73 -5.59
N GLY A 8 4.16 18.48 -4.56
CA GLY A 8 2.85 19.11 -4.48
C GLY A 8 1.68 18.29 -5.02
N ALA A 9 0.94 18.87 -5.95
CA ALA A 9 -0.18 18.19 -6.58
C ALA A 9 -0.48 18.87 -7.91
N GLU A 10 -0.85 18.06 -8.90
CA GLU A 10 -1.14 18.56 -10.22
C GLU A 10 -2.51 18.07 -10.65
N VAL A 11 -3.06 18.74 -11.67
CA VAL A 11 -4.28 18.34 -12.36
C VAL A 11 -4.15 18.76 -13.82
N LYS A 12 -4.46 17.86 -14.75
CA LYS A 12 -4.26 18.11 -16.17
C LYS A 12 -5.39 17.47 -16.99
N LYS A 13 -5.47 17.87 -18.26
CA LYS A 13 -6.48 17.42 -19.21
C LYS A 13 -6.13 16.03 -19.75
N PRO A 14 -7.13 15.25 -20.17
CA PRO A 14 -6.84 13.95 -20.76
C PRO A 14 -6.00 14.07 -22.02
N GLY A 15 -5.16 13.07 -22.25
CA GLY A 15 -4.23 13.09 -23.35
C GLY A 15 -2.95 13.85 -23.07
N ALA A 16 -2.91 14.65 -22.00
CA ALA A 16 -1.70 15.34 -21.62
C ALA A 16 -0.82 14.36 -20.84
N SER A 17 0.21 14.90 -20.19
CA SER A 17 1.13 14.09 -19.41
C SER A 17 1.42 14.84 -18.11
N VAL A 18 1.83 14.08 -17.11
CA VAL A 18 2.19 14.64 -15.82
C VAL A 18 3.56 14.15 -15.44
N LYS A 19 4.43 15.05 -14.99
CA LYS A 19 5.71 14.65 -14.43
C LYS A 19 5.65 14.88 -12.93
N VAL A 20 6.11 13.89 -12.17
CA VAL A 20 6.09 13.95 -10.71
C VAL A 20 7.48 13.59 -10.21
N SER A 21 8.09 14.52 -9.49
CA SER A 21 9.40 14.35 -8.89
C SER A 21 9.25 13.86 -7.47
N CYS A 22 10.30 13.22 -6.98
CA CYS A 22 10.29 12.69 -5.62
C CYS A 22 11.73 12.75 -5.09
N LYS A 23 12.09 13.87 -4.48
CA LYS A 23 13.45 14.04 -3.96
C LYS A 23 13.55 13.28 -2.65
N ALA A 24 14.65 12.52 -2.50
CA ALA A 24 14.81 11.63 -1.34
C ALA A 24 16.15 11.86 -0.67
N SER A 25 16.13 12.03 0.65
CA SER A 25 17.26 12.52 1.41
C SER A 25 17.62 11.54 2.52
N GLY A 26 18.86 11.64 2.97
CA GLY A 26 19.34 10.79 4.05
C GLY A 26 19.59 9.35 3.66
N TYR A 27 19.60 9.05 2.36
CA TYR A 27 19.97 7.70 1.95
C TYR A 27 21.47 7.53 2.11
N THR A 28 21.86 6.54 2.91
CA THR A 28 23.26 6.37 3.26
C THR A 28 24.07 5.84 2.08
N PHE A 29 23.47 5.00 1.24
CA PHE A 29 24.15 4.40 0.11
C PHE A 29 23.72 5.09 -1.18
N THR A 30 24.15 4.53 -2.33
CA THR A 30 23.83 5.08 -3.64
C THR A 30 23.05 4.13 -4.55
N THR A 31 22.81 2.90 -4.13
CA THR A 31 22.08 1.93 -4.94
C THR A 31 20.94 1.37 -4.11
N TYR A 32 19.72 1.77 -4.47
CA TYR A 32 18.49 1.38 -3.79
C TYR A 32 17.40 1.38 -4.84
N ALA A 33 16.29 0.73 -4.54
CA ALA A 33 15.16 0.72 -5.47
C ALA A 33 14.23 1.90 -5.19
N MET A 34 13.58 2.36 -6.25
CA MET A 34 12.59 3.44 -6.15
C MET A 34 11.37 3.10 -6.99
N HIS A 35 10.27 2.77 -6.35
CA HIS A 35 9.07 2.40 -7.08
C HIS A 35 8.11 3.57 -7.16
N TRP A 36 7.14 3.46 -8.04
CA TRP A 36 5.97 4.31 -8.01
C TRP A 36 4.77 3.42 -7.88
N VAL A 37 3.88 3.76 -6.96
CA VAL A 37 2.64 3.03 -6.76
C VAL A 37 1.51 4.02 -6.49
N ARG A 38 0.41 3.88 -7.23
CA ARG A 38 -0.70 4.83 -7.15
C ARG A 38 -1.90 4.22 -6.46
N GLN A 39 -2.75 5.09 -5.91
CA GLN A 39 -4.00 4.72 -5.26
C GLN A 39 -5.13 5.50 -5.91
N ALA A 40 -5.92 4.82 -6.74
CA ALA A 40 -7.15 5.40 -7.25
C ALA A 40 -8.08 5.66 -6.07
N PRO A 41 -9.08 6.54 -6.25
CA PRO A 41 -10.01 6.86 -5.16
C PRO A 41 -10.56 5.64 -4.43
N GLY A 42 -10.31 5.60 -3.11
CA GLY A 42 -10.74 4.55 -2.21
C GLY A 42 -10.51 3.15 -2.72
N GLN A 43 -9.52 2.98 -3.60
CA GLN A 43 -9.35 1.77 -4.38
C GLN A 43 -8.09 1.05 -3.94
N ARG A 44 -7.76 -0.03 -4.66
CA ARG A 44 -6.55 -0.78 -4.36
C ARG A 44 -5.31 0.05 -4.67
N LEU A 45 -4.21 -0.29 -3.99
CA LEU A 45 -2.89 0.19 -4.40
C LEU A 45 -2.38 -0.55 -5.63
N GLU A 46 -1.90 0.21 -6.62
CA GLU A 46 -1.32 -0.35 -7.84
C GLU A 46 0.19 -0.05 -7.86
N TRP A 47 0.99 -1.10 -8.06
CA TRP A 47 2.40 -0.95 -8.39
C TRP A 47 2.53 -0.70 -9.88
N MET A 48 3.33 0.31 -10.23
CA MET A 48 3.55 0.65 -11.63
C MET A 48 4.93 0.25 -12.14
N GLY A 49 5.97 0.45 -11.34
CA GLY A 49 7.30 0.17 -11.81
C GLY A 49 8.31 0.69 -10.83
N TRP A 50 9.57 0.52 -11.20
CA TRP A 50 10.63 1.04 -10.38
C TRP A 50 11.83 1.31 -11.25
N ILE A 51 12.76 2.07 -10.69
CA ILE A 51 14.06 2.29 -11.32
C ILE A 51 15.11 1.91 -10.29
N ASN A 52 16.33 1.68 -10.77
CA ASN A 52 17.51 1.40 -9.96
C ASN A 52 18.26 2.70 -9.73
N ALA A 53 18.66 2.94 -8.49
CA ALA A 53 19.36 4.20 -8.19
C ALA A 53 20.80 4.23 -8.74
N GLY A 54 21.33 3.11 -9.21
CA GLY A 54 22.67 2.99 -9.74
C GLY A 54 22.64 3.14 -11.25
N ASN A 55 22.56 2.02 -11.97
CA ASN A 55 22.60 1.97 -13.43
C ASN A 55 21.37 2.59 -14.11
N GLY A 56 20.34 2.98 -13.37
CA GLY A 56 19.20 3.61 -14.00
C GLY A 56 18.25 2.67 -14.72
N ASN A 57 18.37 1.37 -14.46
CA ASN A 57 17.51 0.37 -15.09
C ASN A 57 16.09 0.47 -14.56
N THR A 58 15.12 0.19 -15.44
CA THR A 58 13.71 0.26 -15.06
C THR A 58 13.00 -1.04 -15.39
N LYS A 59 12.09 -1.44 -14.50
CA LYS A 59 11.13 -2.52 -14.71
C LYS A 59 9.72 -1.94 -14.58
N TYR A 60 8.96 -1.95 -15.66
CA TYR A 60 7.62 -1.38 -15.69
C TYR A 60 6.57 -2.47 -15.62
N SER A 61 5.45 -2.16 -14.98
CA SER A 61 4.29 -3.04 -15.10
C SER A 61 3.70 -2.92 -16.50
N GLN A 62 3.35 -4.07 -17.07
CA GLN A 62 2.80 -4.09 -18.42
C GLN A 62 1.59 -3.18 -18.56
N LYS A 63 0.80 -3.05 -17.48
CA LYS A 63 -0.43 -2.26 -17.52
C LYS A 63 -0.18 -0.83 -17.97
N PHE A 64 1.04 -0.33 -17.80
CA PHE A 64 1.38 1.04 -18.19
C PHE A 64 2.51 1.11 -19.21
N GLN A 65 2.98 -0.04 -19.70
CA GLN A 65 4.18 -0.06 -20.54
C GLN A 65 4.00 0.86 -21.74
N GLY A 66 5.05 1.61 -22.06
CA GLY A 66 5.01 2.57 -23.14
C GLY A 66 4.25 3.84 -22.84
N ARG A 67 3.58 3.92 -21.68
CA ARG A 67 2.89 5.12 -21.23
C ARG A 67 3.66 5.88 -20.16
N VAL A 68 4.40 5.19 -19.32
CA VAL A 68 5.15 5.80 -18.24
C VAL A 68 6.62 5.86 -18.63
N THR A 69 7.38 6.68 -17.89
CA THR A 69 8.82 6.80 -18.04
C THR A 69 9.38 7.25 -16.69
N ILE A 70 10.31 6.48 -16.13
CA ILE A 70 10.92 6.80 -14.84
C ILE A 70 12.36 7.27 -15.05
N THR A 71 12.62 8.53 -14.75
CA THR A 71 13.97 9.06 -14.79
C THR A 71 14.55 9.10 -13.38
N ARG A 72 15.86 8.94 -13.30
CA ARG A 72 16.60 9.04 -12.04
C ARG A 72 17.69 10.08 -12.21
N ASP A 73 17.58 11.19 -11.46
CA ASP A 73 18.53 12.30 -11.56
C ASP A 73 19.50 12.22 -10.39
N THR A 74 20.51 11.38 -10.57
CA THR A 74 21.44 11.06 -9.49
C THR A 74 22.05 12.31 -8.87
N SER A 75 22.27 13.36 -9.67
CA SER A 75 22.98 14.54 -9.18
C SER A 75 22.21 15.26 -8.09
N ALA A 76 20.90 15.44 -8.27
CA ALA A 76 20.07 16.11 -7.27
C ALA A 76 19.22 15.13 -6.48
N SER A 77 19.63 13.86 -6.45
CA SER A 77 18.97 12.80 -5.68
C SER A 77 17.45 12.90 -5.78
N THR A 78 16.97 12.84 -7.01
CA THR A 78 15.56 13.04 -7.28
C THR A 78 15.09 12.03 -8.29
N ALA A 79 13.89 11.48 -8.07
CA ALA A 79 13.30 10.46 -8.94
C ALA A 79 12.05 11.02 -9.61
N TYR A 80 11.99 10.89 -10.92
CA TYR A 80 10.90 11.44 -11.71
C TYR A 80 10.06 10.31 -12.28
N MET A 81 8.75 10.55 -12.31
CA MET A 81 7.81 9.63 -12.95
C MET A 81 6.94 10.45 -13.88
N GLU A 82 6.75 9.96 -15.11
CA GLU A 82 5.98 10.69 -16.11
C GLU A 82 5.06 9.71 -16.84
N LEU A 83 3.76 10.00 -16.80
CA LEU A 83 2.73 9.19 -17.44
C LEU A 83 2.03 10.02 -18.51
N SER A 84 2.01 9.52 -19.74
CA SER A 84 1.57 10.29 -20.90
C SER A 84 0.25 9.75 -21.44
N SER A 85 -0.49 10.62 -22.12
CA SER A 85 -1.78 10.30 -22.73
C SER A 85 -2.72 9.67 -21.70
N LEU A 86 -3.10 10.50 -20.73
CA LEU A 86 -3.90 10.07 -19.60
C LEU A 86 -5.36 9.84 -20.00
N ARG A 87 -5.96 8.78 -19.43
CA ARG A 87 -7.27 8.29 -19.83
C ARG A 87 -8.32 8.48 -18.76
N SER A 88 -8.00 9.23 -17.69
CA SER A 88 -8.95 9.60 -16.63
C SER A 88 -9.30 8.40 -15.76
N GLU A 89 -8.96 7.21 -16.22
CA GLU A 89 -8.80 6.07 -15.34
C GLU A 89 -7.62 6.30 -14.40
N ASP A 90 -6.85 7.37 -14.67
CA ASP A 90 -5.57 7.65 -14.04
C ASP A 90 -5.66 8.63 -12.89
N THR A 91 -6.83 9.15 -12.57
CA THR A 91 -6.92 9.99 -11.37
C THR A 91 -6.56 9.13 -10.16
N ALA A 92 -5.55 9.57 -9.42
CA ALA A 92 -5.13 8.85 -8.23
C ALA A 92 -4.12 9.69 -7.47
N VAL A 93 -3.83 9.26 -6.26
CA VAL A 93 -2.62 9.70 -5.59
C VAL A 93 -1.48 8.87 -6.15
N TYR A 94 -0.28 9.43 -6.16
CA TYR A 94 0.88 8.76 -6.73
C TYR A 94 2.05 8.81 -5.75
N TYR A 95 2.29 7.69 -5.08
CA TYR A 95 3.40 7.57 -4.15
C TYR A 95 4.66 7.06 -4.84
N CYS A 96 5.80 7.59 -4.43
CA CYS A 96 7.08 6.95 -4.67
C CYS A 96 7.48 6.20 -3.41
N ALA A 97 7.75 4.92 -3.56
CA ALA A 97 8.23 4.09 -2.47
C ALA A 97 9.68 3.71 -2.76
N GLY A 98 10.24 2.83 -1.94
CA GLY A 98 11.57 2.30 -2.21
C GLY A 98 12.17 1.79 -0.93
N GLY A 99 13.40 1.27 -1.05
CA GLY A 99 14.10 0.88 0.15
C GLY A 99 15.18 -0.17 0.01
N GLY A 100 15.29 -1.01 1.03
CA GLY A 100 16.33 -2.04 1.07
C GLY A 100 17.64 -1.52 1.62
N GLY A 101 18.13 -0.38 1.10
CA GLY A 101 19.25 0.32 1.71
C GLY A 101 20.56 -0.44 1.67
N ARG A 102 20.97 -0.99 2.81
CA ARG A 102 22.13 -1.88 2.88
C ARG A 102 21.96 -3.03 1.88
N ARG A 103 20.98 -3.90 2.12
CA ARG A 103 20.69 -4.98 1.20
C ARG A 103 19.76 -4.43 0.13
N LEU A 104 20.16 -4.55 -1.14
CA LEU A 104 19.19 -4.32 -2.21
C LEU A 104 18.03 -5.29 -2.05
N GLN A 105 16.81 -4.77 -2.28
CA GLN A 105 15.67 -5.55 -2.71
C GLN A 105 14.79 -4.63 -3.52
N PHE A 106 14.15 -5.19 -4.57
CA PHE A 106 13.05 -4.56 -5.26
C PHE A 106 11.70 -5.15 -4.86
N ASP A 107 11.68 -5.86 -3.75
CA ASP A 107 10.52 -6.63 -3.37
C ASP A 107 9.46 -5.76 -2.70
N TYR A 108 9.79 -5.17 -1.57
CA TYR A 108 8.84 -4.49 -0.71
C TYR A 108 9.30 -3.08 -0.46
N PHE A 109 8.39 -2.23 0.01
CA PHE A 109 8.60 -0.80 0.09
C PHE A 109 8.87 -0.38 1.53
N ASP A 110 10.05 0.23 1.75
CA ASP A 110 10.58 0.57 3.07
C ASP A 110 10.18 1.97 3.51
N TYR A 111 10.33 2.96 2.63
CA TYR A 111 9.99 4.35 2.91
C TYR A 111 9.14 4.92 1.79
N TRP A 112 8.11 5.69 2.16
CA TRP A 112 7.17 6.26 1.21
C TRP A 112 7.25 7.78 1.21
N GLY A 113 6.90 8.37 0.07
CA GLY A 113 6.78 9.79 -0.02
C GLY A 113 5.47 10.24 0.54
N GLN A 114 5.27 11.55 0.53
CA GLN A 114 4.03 12.09 1.08
C GLN A 114 2.82 11.71 0.24
N GLY A 115 3.03 11.32 -1.01
CA GLY A 115 1.94 11.13 -1.95
C GLY A 115 1.71 12.39 -2.74
N THR A 116 1.46 12.26 -4.04
CA THR A 116 1.08 13.40 -4.87
C THR A 116 -0.19 13.04 -5.61
N LEU A 117 -1.14 13.96 -5.60
CA LEU A 117 -2.48 13.73 -6.13
C LEU A 117 -2.59 14.31 -7.52
N VAL A 118 -3.08 13.49 -8.45
CA VAL A 118 -3.17 13.85 -9.87
C VAL A 118 -4.58 13.55 -10.35
N THR A 119 -5.21 14.55 -10.95
CA THR A 119 -6.60 14.47 -11.41
C THR A 119 -6.64 14.56 -12.93
N VAL A 120 -7.38 13.66 -13.56
CA VAL A 120 -7.61 13.70 -15.00
C VAL A 120 -9.09 13.95 -15.23
N SER A 121 -9.40 15.04 -15.93
CA SER A 121 -10.78 15.40 -16.24
C SER A 121 -10.78 16.37 -17.41
N SER A 122 -11.92 16.44 -18.09
CA SER A 122 -12.16 17.44 -19.13
C SER A 122 -12.91 18.63 -18.55
N ALA A 123 -12.35 19.25 -17.52
CA ALA A 123 -12.99 20.36 -16.83
C ALA A 123 -11.97 21.44 -16.53
N SER A 124 -12.46 22.68 -16.40
CA SER A 124 -11.65 23.80 -15.97
C SER A 124 -12.09 24.21 -14.56
N THR A 125 -11.24 24.99 -13.90
CA THR A 125 -11.54 25.42 -12.55
C THR A 125 -12.83 26.20 -12.51
N LYS A 126 -13.64 25.99 -11.46
CA LYS A 126 -14.81 26.83 -11.20
C LYS A 126 -15.25 26.68 -9.75
N GLY A 127 -15.69 27.78 -9.18
CA GLY A 127 -16.18 27.77 -7.81
C GLY A 127 -17.56 27.16 -7.72
N PRO A 128 -17.99 26.88 -6.49
CA PRO A 128 -19.23 26.14 -6.26
C PRO A 128 -20.46 27.03 -6.49
N SER A 129 -21.62 26.44 -6.21
CA SER A 129 -22.88 27.15 -6.10
C SER A 129 -23.61 26.55 -4.91
N VAL A 130 -23.70 27.31 -3.83
CA VAL A 130 -24.07 26.77 -2.53
C VAL A 130 -25.56 26.92 -2.31
N PHE A 131 -26.21 25.85 -1.88
CA PHE A 131 -27.65 25.85 -1.72
C PHE A 131 -28.04 25.38 -0.33
N PRO A 132 -29.10 25.95 0.23
CA PRO A 132 -29.44 25.67 1.63
C PRO A 132 -30.23 24.39 1.80
N LEU A 133 -30.11 23.80 2.98
CA LEU A 133 -30.84 22.60 3.33
C LEU A 133 -31.61 22.87 4.62
N ALA A 134 -32.90 23.22 4.47
CA ALA A 134 -33.78 23.74 5.50
C ALA A 134 -34.45 22.62 6.30
N PRO A 135 -34.88 22.92 7.56
CA PRO A 135 -35.50 21.89 8.42
C PRO A 135 -37.01 21.75 8.31
N SER A 136 -37.58 20.89 9.16
CA SER A 136 -39.03 20.67 9.25
C SER A 136 -39.40 20.48 10.74
N SER A 137 -40.58 19.90 10.98
CA SER A 137 -41.09 19.67 12.33
C SER A 137 -41.18 20.96 13.13
N GLY A 143 -38.07 17.68 18.40
CA GLY A 143 -36.93 17.41 19.26
C GLY A 143 -35.63 18.00 18.76
N THR A 144 -34.84 17.19 18.05
CA THR A 144 -33.62 17.64 17.41
C THR A 144 -33.85 17.82 15.92
N ALA A 145 -33.45 18.98 15.40
CA ALA A 145 -33.61 19.32 13.99
C ALA A 145 -32.28 19.25 13.28
N ALA A 146 -32.33 19.04 11.97
CA ALA A 146 -31.13 18.95 11.14
C ALA A 146 -31.26 19.92 9.98
N LEU A 147 -30.20 20.67 9.72
CA LEU A 147 -30.17 21.59 8.59
C LEU A 147 -28.76 21.60 8.03
N GLY A 148 -28.66 22.02 6.76
CA GLY A 148 -27.37 22.04 6.11
C GLY A 148 -27.23 23.04 4.99
N CYS A 149 -26.08 22.97 4.34
CA CYS A 149 -25.74 23.67 3.11
C CYS A 149 -25.69 22.63 2.00
N LEU A 150 -25.26 23.07 0.81
CA LEU A 150 -24.91 22.13 -0.24
C LEU A 150 -23.93 22.82 -1.18
N VAL A 151 -22.78 22.20 -1.40
CA VAL A 151 -21.74 22.74 -2.25
C VAL A 151 -21.78 21.94 -3.55
N LYS A 152 -22.41 22.51 -4.58
CA LYS A 152 -22.70 21.78 -5.81
C LYS A 152 -21.98 22.40 -6.99
N ASP A 153 -21.57 21.54 -7.93
CA ASP A 153 -21.02 21.96 -9.22
C ASP A 153 -19.77 22.81 -9.04
N TYR A 154 -18.72 22.20 -8.49
CA TYR A 154 -17.43 22.84 -8.38
C TYR A 154 -16.35 21.93 -8.95
N PHE A 155 -15.35 22.50 -9.62
CA PHE A 155 -14.14 21.77 -10.01
C PHE A 155 -12.88 22.56 -9.64
N PRO A 156 -12.61 22.70 -8.36
CA PRO A 156 -11.24 22.55 -7.86
C PRO A 156 -10.95 21.12 -7.45
N GLU A 157 -9.81 20.91 -6.81
CA GLU A 157 -9.61 19.67 -6.06
C GLU A 157 -10.41 19.68 -4.76
N PRO A 158 -10.15 20.60 -3.76
CA PRO A 158 -10.92 20.57 -2.50
C PRO A 158 -12.05 21.60 -2.34
N VAL A 159 -12.86 21.45 -1.29
CA VAL A 159 -13.63 22.54 -0.69
C VAL A 159 -13.65 22.34 0.83
N THR A 160 -13.80 23.43 1.58
CA THR A 160 -13.88 23.37 3.02
C THR A 160 -15.01 24.26 3.52
N VAL A 161 -15.80 23.74 4.47
CA VAL A 161 -17.01 24.39 4.92
C VAL A 161 -17.03 24.40 6.44
N SER A 162 -17.37 25.55 7.02
CA SER A 162 -17.58 25.67 8.45
C SER A 162 -18.99 26.22 8.68
N TRP A 163 -19.30 26.51 9.94
CA TRP A 163 -20.66 26.89 10.30
C TRP A 163 -20.63 28.02 11.33
N ASN A 164 -21.34 29.11 11.02
CA ASN A 164 -21.39 30.30 11.86
C ASN A 164 -20.00 30.76 12.27
N SER A 165 -19.11 30.89 11.27
CA SER A 165 -17.82 31.55 11.41
C SER A 165 -16.91 30.80 12.39
N GLY A 166 -16.75 29.49 12.12
CA GLY A 166 -15.98 28.64 13.00
C GLY A 166 -16.62 28.34 14.34
N ALA A 167 -17.77 28.95 14.65
CA ALA A 167 -18.35 28.93 15.99
C ALA A 167 -19.45 27.86 16.14
N LEU A 168 -19.44 26.83 15.30
CA LEU A 168 -20.27 25.64 15.53
C LEU A 168 -19.45 24.43 15.09
N THR A 169 -19.03 23.62 16.08
CA THR A 169 -18.20 22.45 15.85
C THR A 169 -18.84 21.16 16.33
N SER A 170 -19.62 21.19 17.41
CA SER A 170 -20.39 20.03 17.81
C SER A 170 -21.52 19.82 16.81
N GLY A 171 -21.71 18.58 16.38
CA GLY A 171 -22.83 18.24 15.52
C GLY A 171 -22.63 18.50 14.05
N VAL A 172 -21.50 19.06 13.66
CA VAL A 172 -21.25 19.32 12.26
C VAL A 172 -20.80 18.03 11.61
N HIS A 173 -21.25 17.83 10.38
CA HIS A 173 -20.79 16.75 9.53
C HIS A 173 -20.59 17.30 8.13
N THR A 174 -19.44 17.03 7.54
CA THR A 174 -19.12 17.50 6.20
C THR A 174 -18.70 16.30 5.37
N PHE A 175 -19.35 16.11 4.27
CA PHE A 175 -19.15 14.81 3.68
C PHE A 175 -18.06 14.83 2.65
N PRO A 176 -17.42 13.68 2.41
CA PRO A 176 -16.52 13.56 1.26
C PRO A 176 -17.27 13.84 -0.03
N ALA A 177 -16.58 14.48 -0.96
CA ALA A 177 -17.22 14.95 -2.17
C ALA A 177 -17.80 13.78 -2.97
N VAL A 178 -18.58 14.12 -3.99
CA VAL A 178 -19.08 13.16 -4.97
C VAL A 178 -18.83 13.75 -6.36
N LEU A 179 -18.40 12.90 -7.30
CA LEU A 179 -18.07 13.29 -8.66
C LEU A 179 -19.27 13.00 -9.56
N GLN A 180 -19.85 14.07 -10.12
CA GLN A 180 -21.07 13.96 -10.92
C GLN A 180 -20.74 13.61 -12.36
N SER A 181 -21.67 12.94 -13.04
CA SER A 181 -21.48 12.63 -14.44
C SER A 181 -21.33 13.90 -15.26
N SER A 182 -21.77 15.04 -14.70
CA SER A 182 -21.46 16.34 -15.27
C SER A 182 -19.98 16.64 -15.25
N GLY A 183 -19.23 16.01 -14.36
CA GLY A 183 -17.81 16.23 -14.21
C GLY A 183 -17.37 17.08 -13.04
N LEU A 184 -18.31 17.52 -12.19
CA LEU A 184 -18.02 18.45 -11.11
C LEU A 184 -18.25 17.81 -9.75
N TYR A 185 -17.34 18.08 -8.81
CA TYR A 185 -17.50 17.60 -7.46
C TYR A 185 -18.66 18.32 -6.78
N SER A 186 -19.40 17.59 -5.94
CA SER A 186 -20.57 18.13 -5.27
C SER A 186 -20.80 17.34 -3.98
N LEU A 187 -20.60 18.00 -2.83
CA LEU A 187 -20.79 17.39 -1.52
C LEU A 187 -21.78 18.22 -0.71
N SER A 188 -21.97 17.83 0.55
CA SER A 188 -22.85 18.57 1.43
C SER A 188 -22.38 18.46 2.87
N SER A 189 -22.65 19.53 3.64
CA SER A 189 -22.26 19.67 5.04
C SER A 189 -23.47 20.07 5.85
N VAL A 190 -23.65 19.42 7.00
CA VAL A 190 -24.86 19.56 7.80
C VAL A 190 -24.52 19.62 9.28
N VAL A 191 -25.49 20.08 10.07
CA VAL A 191 -25.38 20.11 11.52
C VAL A 191 -26.73 19.77 12.12
N THR A 192 -26.72 19.04 13.22
CA THR A 192 -27.93 18.78 13.99
C THR A 192 -27.97 19.72 15.18
N VAL A 193 -29.11 20.40 15.36
CA VAL A 193 -29.29 21.45 16.34
C VAL A 193 -30.62 21.24 17.03
N PRO A 194 -30.81 21.84 18.21
CA PRO A 194 -32.10 21.72 18.90
C PRO A 194 -33.20 22.48 18.18
N SER A 195 -34.27 21.77 17.80
CA SER A 195 -35.36 22.42 17.09
C SER A 195 -36.04 23.49 17.93
N SER A 196 -35.92 23.40 19.25
CA SER A 196 -36.60 24.35 20.13
C SER A 196 -36.07 25.78 19.96
N SER A 197 -34.76 25.92 19.74
CA SER A 197 -34.11 27.21 19.60
C SER A 197 -33.86 27.57 18.14
N LEU A 198 -34.82 27.24 17.27
CA LEU A 198 -34.61 27.39 15.83
C LEU A 198 -34.82 28.83 15.38
N GLY A 199 -35.97 29.42 15.69
CA GLY A 199 -36.25 30.78 15.26
C GLY A 199 -35.30 31.80 15.87
N THR A 200 -34.96 31.61 17.15
CA THR A 200 -34.11 32.58 17.83
C THR A 200 -32.72 32.66 17.20
N GLN A 201 -32.13 31.51 16.91
CA GLN A 201 -30.76 31.45 16.41
C GLN A 201 -30.75 31.56 14.89
N THR A 202 -29.67 32.12 14.38
CA THR A 202 -29.39 32.20 12.95
C THR A 202 -28.22 31.29 12.61
N TYR A 203 -28.43 30.38 11.67
CA TYR A 203 -27.39 29.45 11.23
C TYR A 203 -26.95 29.78 9.82
N ILE A 204 -25.64 29.96 9.62
CA ILE A 204 -25.08 30.34 8.33
C ILE A 204 -23.79 29.56 8.13
N CYS A 205 -23.71 28.76 7.07
CA CYS A 205 -22.48 28.02 6.79
C CYS A 205 -21.51 28.87 6.01
N ASN A 206 -20.22 28.59 6.19
CA ASN A 206 -19.12 29.40 5.64
C ASN A 206 -18.32 28.55 4.67
N VAL A 207 -18.68 28.62 3.38
CA VAL A 207 -17.98 27.86 2.35
C VAL A 207 -16.84 28.70 1.79
N ASN A 208 -15.64 28.14 1.77
CA ASN A 208 -14.56 28.72 0.99
C ASN A 208 -13.93 27.63 0.16
N HIS A 209 -13.61 27.99 -1.08
CA HIS A 209 -12.85 27.12 -1.98
C HIS A 209 -11.75 28.01 -2.54
N LYS A 210 -10.53 27.80 -2.03
CA LYS A 210 -9.40 28.68 -2.33
C LYS A 210 -8.99 28.68 -3.79
N PRO A 211 -8.83 27.53 -4.48
CA PRO A 211 -8.27 27.56 -5.84
C PRO A 211 -8.86 28.61 -6.78
N SER A 212 -10.18 28.81 -6.73
CA SER A 212 -10.86 29.78 -7.56
C SER A 212 -11.15 31.07 -6.82
N ASN A 213 -10.44 31.36 -5.73
CA ASN A 213 -10.51 32.65 -5.06
C ASN A 213 -11.93 32.96 -4.57
N THR A 214 -12.74 31.93 -4.30
CA THR A 214 -14.18 32.11 -4.11
C THR A 214 -14.59 31.95 -2.65
N LYS A 215 -15.49 32.83 -2.20
CA LYS A 215 -16.01 32.85 -0.84
C LYS A 215 -17.53 32.91 -0.88
N VAL A 216 -18.18 32.03 -0.11
CA VAL A 216 -19.64 32.04 0.01
C VAL A 216 -20.03 31.68 1.43
N ASP A 217 -20.97 32.44 2.00
CA ASP A 217 -21.52 32.20 3.33
C ASP A 217 -23.04 32.31 3.23
N LYS A 218 -23.72 31.17 3.14
CA LYS A 218 -25.14 31.12 2.81
C LYS A 218 -25.96 30.98 4.09
N LYS A 219 -26.86 31.92 4.32
CA LYS A 219 -27.83 31.79 5.39
C LYS A 219 -28.68 30.54 5.18
N VAL A 220 -28.97 29.84 6.26
CA VAL A 220 -29.94 28.75 6.27
C VAL A 220 -31.02 29.11 7.26
N GLU A 221 -32.27 28.99 6.83
CA GLU A 221 -33.43 29.33 7.64
C GLU A 221 -34.57 28.44 7.17
N PRO A 222 -35.74 28.48 7.82
CA PRO A 222 -36.88 27.76 7.24
C PRO A 222 -38.00 28.70 6.80
N ASP B 1 -0.24 -13.18 -13.72
CA ASP B 1 -0.76 -12.09 -12.86
C ASP B 1 -1.43 -12.63 -11.58
N ILE B 2 -1.02 -12.12 -10.42
CA ILE B 2 -1.26 -12.76 -9.13
C ILE B 2 -2.22 -11.91 -8.30
N GLN B 3 -3.31 -12.52 -7.85
CA GLN B 3 -4.42 -11.84 -7.15
C GLN B 3 -4.38 -12.12 -5.64
N MET B 4 -4.52 -11.08 -4.83
CA MET B 4 -4.51 -11.19 -3.37
C MET B 4 -5.87 -10.75 -2.81
N THR B 5 -6.47 -11.57 -1.93
CA THR B 5 -7.80 -11.27 -1.41
C THR B 5 -7.78 -11.41 0.11
N GLN B 6 -7.88 -10.29 0.80
CA GLN B 6 -7.79 -10.32 2.26
C GLN B 6 -9.17 -10.46 2.88
N SER B 7 -9.27 -11.33 3.90
CA SER B 7 -10.51 -12.05 4.16
C SER B 7 -11.58 -11.25 4.92
N PRO B 8 -11.32 -10.66 6.12
CA PRO B 8 -12.37 -9.82 6.70
C PRO B 8 -12.23 -8.43 6.12
N SER B 9 -13.13 -8.03 5.22
CA SER B 9 -12.97 -6.75 4.55
C SER B 9 -13.10 -5.59 5.53
N THR B 10 -13.86 -5.79 6.61
CA THR B 10 -13.88 -4.83 7.70
C THR B 10 -13.98 -5.59 9.02
N LEU B 11 -13.59 -4.91 10.10
CA LEU B 11 -13.37 -5.58 11.38
C LEU B 11 -13.56 -4.57 12.51
N SER B 12 -14.61 -4.77 13.29
CA SER B 12 -14.77 -4.03 14.54
C SER B 12 -14.00 -4.75 15.64
N ALA B 13 -13.27 -3.98 16.42
CA ALA B 13 -12.65 -4.53 17.62
C ALA B 13 -12.39 -3.39 18.59
N SER B 14 -12.16 -3.77 19.84
CA SER B 14 -11.89 -2.82 20.91
C SER B 14 -10.43 -2.88 21.32
N VAL B 15 -9.95 -1.78 21.88
CA VAL B 15 -8.58 -1.70 22.39
C VAL B 15 -8.36 -2.84 23.36
N GLY B 16 -7.25 -3.55 23.20
CA GLY B 16 -6.95 -4.72 23.98
C GLY B 16 -7.29 -6.03 23.30
N ASP B 17 -8.17 -6.03 22.30
CA ASP B 17 -8.53 -7.27 21.63
C ASP B 17 -7.31 -7.85 20.92
N ARG B 18 -7.30 -9.17 20.80
CA ARG B 18 -6.40 -9.83 19.85
C ARG B 18 -7.07 -9.76 18.50
N VAL B 19 -6.30 -9.47 17.46
CA VAL B 19 -6.87 -9.13 16.17
C VAL B 19 -6.08 -9.84 15.08
N THR B 20 -6.77 -10.49 14.14
CA THR B 20 -6.09 -11.34 13.14
C THR B 20 -6.73 -11.18 11.75
N ILE B 21 -6.16 -10.30 10.93
CA ILE B 21 -6.56 -10.25 9.53
C ILE B 21 -5.96 -11.45 8.78
N THR B 22 -6.53 -11.75 7.60
CA THR B 22 -6.03 -12.83 6.74
C THR B 22 -5.82 -12.36 5.32
N CYS B 23 -4.78 -12.90 4.68
CA CYS B 23 -4.46 -12.63 3.29
C CYS B 23 -4.19 -13.94 2.59
N ARG B 24 -4.87 -14.16 1.45
CA ARG B 24 -4.79 -15.37 0.64
C ARG B 24 -4.45 -15.00 -0.80
N ALA B 25 -3.85 -15.94 -1.51
CA ALA B 25 -3.29 -15.68 -2.83
C ALA B 25 -3.80 -16.67 -3.88
N SER B 26 -3.90 -16.20 -5.13
CA SER B 26 -4.27 -17.09 -6.23
C SER B 26 -3.34 -18.28 -6.28
N GLN B 27 -2.05 -18.02 -6.46
CA GLN B 27 -0.96 -18.99 -6.46
C GLN B 27 -0.32 -19.05 -5.07
N SER B 28 0.77 -19.78 -4.95
CA SER B 28 1.63 -19.72 -3.77
C SER B 28 2.77 -18.76 -4.09
N ILE B 29 3.23 -18.06 -3.06
CA ILE B 29 4.14 -16.93 -3.14
C ILE B 29 5.33 -17.09 -2.19
N SER B 30 5.91 -18.27 -2.12
CA SER B 30 6.17 -19.01 -0.89
C SER B 30 6.22 -18.22 0.42
N SER B 31 7.09 -17.22 0.58
CA SER B 31 7.04 -16.36 1.75
C SER B 31 7.22 -14.90 1.40
N TRP B 32 7.26 -14.58 0.12
CA TRP B 32 7.52 -13.23 -0.36
C TRP B 32 6.35 -12.30 -0.15
N LEU B 33 6.12 -11.85 1.09
CA LEU B 33 4.88 -11.15 1.41
C LEU B 33 5.08 -10.07 2.45
N ALA B 34 4.59 -8.86 2.14
CA ALA B 34 4.64 -7.71 3.04
C ALA B 34 3.25 -7.23 3.43
N TRP B 35 3.14 -6.73 4.65
CA TRP B 35 1.92 -6.13 5.18
C TRP B 35 2.11 -4.63 5.33
N TYR B 36 1.06 -3.85 5.10
CA TYR B 36 1.16 -2.40 5.25
C TYR B 36 -0.02 -1.84 6.06
N GLN B 37 0.22 -0.69 6.70
CA GLN B 37 -0.80 0.03 7.45
C GLN B 37 -1.07 1.35 6.73
N GLN B 38 -2.35 1.75 6.58
CA GLN B 38 -2.66 3.05 5.97
C GLN B 38 -3.83 3.75 6.67
N LYS B 39 -3.61 4.95 7.06
CA LYS B 39 -4.58 5.82 7.70
C LYS B 39 -5.04 6.91 6.73
N PRO B 40 -6.26 7.40 6.85
CA PRO B 40 -6.79 8.29 5.82
C PRO B 40 -5.89 9.51 5.61
N GLY B 41 -5.62 9.82 4.34
CA GLY B 41 -4.84 10.99 3.98
C GLY B 41 -3.36 10.87 4.24
N LYS B 42 -2.88 9.68 4.58
CA LYS B 42 -1.48 9.47 4.89
C LYS B 42 -0.96 8.29 4.06
N ALA B 43 0.33 8.34 3.70
CA ALA B 43 0.96 7.28 2.91
C ALA B 43 1.01 5.98 3.72
N PRO B 44 1.17 4.83 3.07
CA PRO B 44 1.21 3.58 3.81
C PRO B 44 2.49 3.46 4.64
N LYS B 45 2.51 2.48 5.56
CA LYS B 45 3.70 2.21 6.36
C LYS B 45 3.96 0.71 6.39
N LEU B 46 5.20 0.32 6.11
CA LEU B 46 5.57 -1.08 6.13
C LEU B 46 5.58 -1.62 7.56
N LEU B 47 5.08 -2.83 7.73
CA LEU B 47 4.90 -3.46 9.03
C LEU B 47 5.62 -4.78 9.15
N ILE B 48 5.41 -5.66 8.19
CA ILE B 48 6.00 -7.00 8.15
C ILE B 48 6.41 -7.27 6.72
N TYR B 49 7.62 -7.83 6.53
CA TYR B 49 8.07 -8.31 5.24
C TYR B 49 8.54 -9.77 5.34
N ASP B 50 8.69 -10.42 4.18
CA ASP B 50 8.95 -11.86 4.06
C ASP B 50 8.11 -12.59 5.09
N ALA B 51 6.86 -12.15 5.19
CA ALA B 51 5.78 -12.82 5.89
C ALA B 51 5.89 -12.80 7.42
N SER B 52 7.07 -12.57 7.98
CA SER B 52 7.15 -12.58 9.43
C SER B 52 8.14 -11.57 9.98
N SER B 53 9.00 -11.05 9.12
CA SER B 53 10.04 -10.16 9.62
C SER B 53 9.45 -8.81 9.98
N LEU B 54 9.65 -8.41 11.23
CA LEU B 54 8.97 -7.25 11.80
C LEU B 54 9.81 -6.02 11.53
N GLU B 55 9.26 -5.07 10.78
CA GLU B 55 10.07 -3.94 10.34
C GLU B 55 10.58 -3.14 11.53
N SER B 56 11.65 -2.41 11.31
CA SER B 56 12.38 -1.83 12.44
C SER B 56 11.51 -0.85 13.21
N GLY B 57 11.40 -1.03 14.52
CA GLY B 57 10.71 -0.02 15.29
C GLY B 57 9.23 0.07 15.05
N VAL B 58 8.65 -0.97 14.44
CA VAL B 58 7.23 -1.29 14.45
C VAL B 58 6.97 -2.13 15.70
N PRO B 59 5.99 -1.79 16.54
CA PRO B 59 5.82 -2.49 17.83
C PRO B 59 5.72 -4.00 17.68
N SER B 60 6.24 -4.72 18.67
CA SER B 60 6.27 -6.18 18.60
C SER B 60 4.88 -6.81 18.51
N ARG B 61 3.83 -6.08 18.91
CA ARG B 61 2.48 -6.66 18.89
C ARG B 61 2.07 -7.14 17.49
N PHE B 62 2.56 -6.49 16.44
CA PHE B 62 2.35 -7.02 15.10
C PHE B 62 3.23 -8.25 14.86
N SER B 63 2.68 -9.21 14.13
CA SER B 63 3.37 -10.47 13.87
C SER B 63 2.79 -11.08 12.61
N GLY B 64 3.64 -11.32 11.62
CA GLY B 64 3.20 -11.99 10.40
C GLY B 64 3.41 -13.49 10.46
N SER B 65 2.67 -14.22 9.63
CA SER B 65 2.77 -15.66 9.65
C SER B 65 2.28 -16.24 8.34
N GLY B 66 2.52 -17.51 8.15
CA GLY B 66 2.03 -18.14 6.95
C GLY B 66 3.06 -18.21 5.85
N SER B 67 3.00 -19.28 5.08
CA SER B 67 3.86 -19.49 3.93
C SER B 67 2.99 -19.92 2.76
N GLY B 68 3.61 -20.01 1.60
CA GLY B 68 2.87 -20.57 0.51
C GLY B 68 1.72 -19.66 0.14
N THR B 69 0.52 -20.05 0.53
CA THR B 69 -0.68 -19.47 -0.05
C THR B 69 -1.63 -18.78 0.90
N GLU B 70 -1.50 -18.97 2.21
CA GLU B 70 -2.38 -18.31 3.16
C GLU B 70 -1.56 -17.65 4.26
N PHE B 71 -1.82 -16.38 4.52
CA PHE B 71 -1.02 -15.61 5.43
C PHE B 71 -1.90 -14.79 6.37
N THR B 72 -1.30 -14.43 7.49
CA THR B 72 -2.02 -13.84 8.61
C THR B 72 -1.19 -12.71 9.15
N LEU B 73 -1.86 -11.78 9.84
CA LEU B 73 -1.21 -10.68 10.54
C LEU B 73 -1.89 -10.54 11.90
N THR B 74 -1.38 -11.22 12.91
CA THR B 74 -1.99 -11.07 14.23
C THR B 74 -1.62 -9.71 14.80
N ILE B 75 -2.45 -9.19 15.71
CA ILE B 75 -2.05 -8.10 16.61
C ILE B 75 -2.35 -8.54 18.04
N SER B 76 -1.31 -8.71 18.84
CA SER B 76 -1.46 -9.40 20.13
C SER B 76 -2.45 -8.68 21.05
N SER B 77 -2.43 -7.34 21.05
CA SER B 77 -3.39 -6.56 21.81
C SER B 77 -3.47 -5.18 21.18
N LEU B 78 -4.67 -4.73 20.88
CA LEU B 78 -4.85 -3.58 20.02
C LEU B 78 -4.70 -2.27 20.82
N GLN B 79 -4.07 -1.28 20.20
CA GLN B 79 -3.90 0.06 20.77
C GLN B 79 -4.62 1.08 19.90
N PRO B 80 -4.99 2.24 20.46
CA PRO B 80 -5.77 3.25 19.72
C PRO B 80 -5.26 3.60 18.34
N ASP B 81 -3.96 3.82 18.15
CA ASP B 81 -3.49 4.17 16.81
C ASP B 81 -3.34 2.97 15.91
N ASP B 82 -3.86 1.80 16.28
CA ASP B 82 -3.89 0.69 15.34
C ASP B 82 -5.13 0.71 14.46
N PHE B 83 -6.06 1.64 14.67
CA PHE B 83 -7.23 1.71 13.81
C PHE B 83 -6.81 2.30 12.46
N ALA B 84 -6.74 1.42 11.46
CA ALA B 84 -6.31 1.81 10.12
C ALA B 84 -6.74 0.73 9.14
N THR B 85 -6.56 1.01 7.87
CA THR B 85 -6.66 -0.01 6.85
C THR B 85 -5.31 -0.70 6.65
N TYR B 86 -5.35 -2.00 6.37
CA TYR B 86 -4.16 -2.82 6.28
C TYR B 86 -4.14 -3.57 4.95
N TYR B 87 -3.01 -3.52 4.24
CA TYR B 87 -2.86 -4.20 2.96
C TYR B 87 -1.80 -5.29 3.07
N CYS B 88 -1.88 -6.24 2.15
CA CYS B 88 -0.80 -7.19 1.89
C CYS B 88 -0.28 -6.99 0.49
N GLN B 89 0.93 -7.46 0.24
CA GLN B 89 1.48 -7.29 -1.09
C GLN B 89 2.43 -8.45 -1.37
N GLN B 90 2.25 -9.10 -2.52
CA GLN B 90 3.14 -10.19 -2.93
C GLN B 90 4.28 -9.63 -3.77
N TYR B 91 5.47 -10.21 -3.58
CA TYR B 91 6.62 -9.97 -4.46
C TYR B 91 7.19 -11.25 -5.05
N ASN B 92 6.33 -12.28 -5.21
CA ASN B 92 6.73 -13.49 -5.93
C ASN B 92 6.58 -13.32 -7.43
N GLY B 93 5.67 -12.45 -7.86
CA GLY B 93 5.23 -12.40 -9.23
C GLY B 93 5.78 -11.21 -9.99
N TYR B 94 5.12 -10.88 -11.05
CA TYR B 94 5.22 -9.50 -11.48
C TYR B 94 3.80 -9.19 -11.89
N PRO B 95 3.53 -8.04 -12.38
CA PRO B 95 3.27 -6.92 -11.47
C PRO B 95 3.09 -7.33 -10.02
N TRP B 96 3.84 -6.63 -9.16
CA TRP B 96 3.54 -6.66 -7.74
C TRP B 96 2.10 -6.25 -7.55
N THR B 97 1.39 -6.95 -6.67
CA THR B 97 -0.01 -6.61 -6.49
C THR B 97 -0.34 -6.61 -5.01
N PHE B 98 -1.36 -5.84 -4.64
CA PHE B 98 -1.81 -5.74 -3.26
C PHE B 98 -3.22 -6.31 -3.10
N GLY B 99 -3.61 -6.57 -1.85
CA GLY B 99 -4.99 -6.88 -1.56
C GLY B 99 -5.86 -5.62 -1.49
N GLN B 100 -7.18 -5.83 -1.36
CA GLN B 100 -8.14 -4.72 -1.23
C GLN B 100 -8.04 -4.03 0.12
N GLY B 101 -7.69 -4.77 1.14
CA GLY B 101 -7.43 -4.17 2.42
C GLY B 101 -8.46 -4.61 3.45
N THR B 102 -8.22 -4.13 4.66
CA THR B 102 -9.03 -4.46 5.82
C THR B 102 -9.07 -3.18 6.64
N LYS B 103 -10.21 -2.48 6.63
CA LYS B 103 -10.40 -1.42 7.59
C LYS B 103 -10.66 -2.07 8.94
N VAL B 104 -9.93 -1.64 9.95
CA VAL B 104 -10.09 -2.17 11.30
C VAL B 104 -10.62 -1.03 12.15
N GLU B 105 -11.91 -1.07 12.47
CA GLU B 105 -12.64 0.04 13.04
C GLU B 105 -13.08 -0.25 14.47
N ILE B 106 -13.57 0.80 15.12
CA ILE B 106 -13.85 0.76 16.55
C ILE B 106 -15.21 0.13 16.80
N LYS B 107 -15.21 -1.03 17.47
CA LYS B 107 -16.43 -1.65 17.92
C LYS B 107 -17.16 -0.68 18.82
N ARG B 108 -18.49 -0.65 18.69
CA ARG B 108 -19.38 0.28 19.37
C ARG B 108 -20.74 -0.40 19.47
N THR B 109 -21.52 -0.03 20.49
CA THR B 109 -22.85 -0.60 20.56
C THR B 109 -23.72 -0.03 19.44
N VAL B 110 -24.77 -0.78 19.10
CA VAL B 110 -25.57 -0.49 17.92
C VAL B 110 -26.23 0.87 18.05
N ALA B 111 -26.12 1.68 17.01
CA ALA B 111 -26.63 3.05 17.04
C ALA B 111 -27.49 3.31 15.81
N ALA B 112 -28.83 3.26 15.99
CA ALA B 112 -29.75 3.50 14.89
C ALA B 112 -29.71 4.98 14.49
N PRO B 113 -29.86 5.30 13.22
CA PRO B 113 -29.69 6.67 12.73
C PRO B 113 -30.92 7.54 12.99
N SER B 114 -30.80 8.78 12.54
CA SER B 114 -31.86 9.79 12.66
C SER B 114 -32.02 10.37 11.26
N VAL B 115 -33.05 9.94 10.54
CA VAL B 115 -33.13 10.18 9.11
C VAL B 115 -33.70 11.57 8.84
N PHE B 116 -33.15 12.28 7.86
CA PHE B 116 -33.69 13.57 7.46
C PHE B 116 -33.72 13.67 5.94
N ILE B 117 -34.69 14.46 5.45
CA ILE B 117 -34.98 14.59 4.02
C ILE B 117 -35.05 16.07 3.68
N PHE B 118 -34.40 16.46 2.59
CA PHE B 118 -34.28 17.87 2.22
C PHE B 118 -34.72 18.08 0.78
N PRO B 119 -35.79 18.82 0.53
CA PRO B 119 -36.15 19.16 -0.85
C PRO B 119 -35.11 20.06 -1.45
N PRO B 120 -35.08 20.20 -2.77
CA PRO B 120 -34.24 21.23 -3.37
C PRO B 120 -34.74 22.60 -3.01
N SER B 121 -33.82 23.50 -2.68
CA SER B 121 -34.19 24.88 -2.49
C SER B 121 -34.76 25.43 -3.79
N ASP B 122 -35.76 26.31 -3.68
CA ASP B 122 -36.16 27.06 -4.87
C ASP B 122 -34.97 27.80 -5.46
N GLU B 123 -34.01 28.16 -4.60
CA GLU B 123 -32.79 28.81 -5.05
C GLU B 123 -32.12 27.99 -6.15
N GLN B 124 -31.90 26.70 -5.89
CA GLN B 124 -31.34 25.81 -6.91
C GLN B 124 -32.32 25.59 -8.06
N LEU B 125 -33.61 25.50 -7.73
CA LEU B 125 -34.63 25.07 -8.68
C LEU B 125 -34.78 26.04 -9.82
N LYS B 126 -34.02 27.12 -9.78
CA LYS B 126 -34.00 28.06 -10.89
C LYS B 126 -33.04 27.63 -11.99
N SER B 127 -32.17 26.65 -11.74
CA SER B 127 -31.10 26.30 -12.66
C SER B 127 -31.46 25.17 -13.61
N GLY B 128 -32.66 24.62 -13.52
CA GLY B 128 -33.01 23.46 -14.32
C GLY B 128 -32.60 22.13 -13.73
N THR B 129 -32.07 22.11 -12.51
CA THR B 129 -31.69 20.86 -11.88
C THR B 129 -32.15 20.89 -10.44
N ALA B 130 -32.60 19.73 -9.94
CA ALA B 130 -33.11 19.56 -8.61
C ALA B 130 -32.28 18.51 -7.89
N SER B 131 -31.97 18.78 -6.63
CA SER B 131 -31.23 17.83 -5.80
C SER B 131 -32.04 17.56 -4.56
N VAL B 132 -32.27 16.29 -4.25
CA VAL B 132 -33.03 15.89 -3.07
C VAL B 132 -32.11 15.08 -2.18
N VAL B 133 -32.05 15.45 -0.90
CA VAL B 133 -30.99 15.04 0.02
C VAL B 133 -31.61 14.32 1.20
N CYS B 134 -31.07 13.15 1.50
CA CYS B 134 -31.51 12.32 2.61
C CYS B 134 -30.32 12.16 3.55
N LEU B 135 -30.45 12.62 4.79
CA LEU B 135 -29.34 12.56 5.74
C LEU B 135 -29.55 11.45 6.77
N LEU B 136 -28.56 10.56 6.89
CA LEU B 136 -28.50 9.55 7.94
C LEU B 136 -27.46 9.97 8.98
N ASN B 137 -27.91 10.49 10.11
CA ASN B 137 -27.01 11.07 11.09
C ASN B 137 -26.61 10.07 12.16
N ASN B 138 -25.30 9.93 12.36
CA ASN B 138 -24.68 9.40 13.58
C ASN B 138 -25.10 7.98 13.94
N PHE B 139 -24.85 7.05 13.03
CA PHE B 139 -25.26 5.67 13.23
C PHE B 139 -24.06 4.73 13.16
N TYR B 140 -24.30 3.50 13.64
CA TYR B 140 -23.32 2.42 13.70
C TYR B 140 -24.05 1.10 13.93
N PRO B 141 -23.62 -0.02 13.30
CA PRO B 141 -22.57 -0.22 12.30
C PRO B 141 -22.84 0.41 10.96
N ARG B 142 -21.90 0.22 10.03
CA ARG B 142 -21.96 0.95 8.77
C ARG B 142 -23.02 0.41 7.85
N GLU B 143 -23.36 -0.87 7.94
CA GLU B 143 -24.27 -1.49 6.99
C GLU B 143 -25.64 -0.77 7.01
N ALA B 144 -26.01 -0.19 5.86
CA ALA B 144 -27.22 0.61 5.77
C ALA B 144 -27.63 0.78 4.32
N LYS B 145 -28.91 0.60 4.06
CA LYS B 145 -29.49 0.71 2.72
C LYS B 145 -30.32 1.97 2.65
N VAL B 146 -30.31 2.62 1.49
CA VAL B 146 -31.11 3.81 1.25
C VAL B 146 -31.86 3.60 -0.07
N GLN B 147 -33.19 3.61 -0.01
CA GLN B 147 -34.01 3.49 -1.21
C GLN B 147 -34.81 4.77 -1.41
N TRP B 148 -34.64 5.39 -2.57
CA TRP B 148 -35.39 6.57 -2.94
C TRP B 148 -36.67 6.16 -3.67
N LYS B 149 -37.77 6.81 -3.32
CA LYS B 149 -39.06 6.60 -3.96
C LYS B 149 -39.62 7.94 -4.38
N VAL B 150 -40.06 8.02 -5.63
CA VAL B 150 -40.69 9.21 -6.18
C VAL B 150 -42.11 8.83 -6.61
N ASP B 151 -43.10 9.42 -5.94
CA ASP B 151 -44.48 8.98 -6.07
C ASP B 151 -44.59 7.48 -5.82
N ASN B 152 -43.75 6.96 -4.92
CA ASN B 152 -43.64 5.54 -4.64
C ASN B 152 -43.22 4.74 -5.88
N ALA B 153 -42.32 5.32 -6.67
CA ALA B 153 -41.63 4.57 -7.71
C ALA B 153 -40.17 4.46 -7.30
N LEU B 154 -39.67 3.24 -7.21
CA LEU B 154 -38.24 3.04 -6.97
C LEU B 154 -37.44 3.91 -7.91
N GLN B 155 -36.42 4.57 -7.37
CA GLN B 155 -35.47 5.33 -8.15
C GLN B 155 -34.11 4.69 -7.98
N SER B 156 -33.46 4.38 -9.10
CA SER B 156 -32.21 3.62 -9.07
C SER B 156 -31.22 4.20 -10.06
N GLY B 157 -29.99 4.43 -9.62
CA GLY B 157 -28.91 4.88 -10.48
C GLY B 157 -28.76 6.38 -10.61
N ASN B 158 -29.72 7.16 -10.09
CA ASN B 158 -29.65 8.61 -10.15
C ASN B 158 -29.42 9.20 -8.75
N SER B 159 -28.78 8.45 -7.86
CA SER B 159 -28.54 8.91 -6.50
C SER B 159 -27.18 8.42 -6.04
N GLN B 160 -26.38 9.35 -5.51
CA GLN B 160 -25.06 9.03 -4.99
C GLN B 160 -24.99 9.31 -3.49
N GLU B 161 -24.22 8.47 -2.80
CA GLU B 161 -23.97 8.59 -1.36
C GLU B 161 -22.58 9.18 -1.12
N SER B 162 -22.22 9.23 0.15
CA SER B 162 -20.94 9.67 0.72
C SER B 162 -21.03 9.48 2.22
N VAL B 163 -19.90 9.14 2.84
CA VAL B 163 -19.90 8.70 4.23
C VAL B 163 -18.69 9.27 4.97
N THR B 164 -18.93 9.72 6.19
CA THR B 164 -17.86 10.27 7.01
C THR B 164 -16.99 9.13 7.57
N GLU B 165 -15.81 9.50 8.03
CA GLU B 165 -14.99 8.57 8.79
C GLU B 165 -15.55 8.47 10.19
N GLN B 166 -15.34 7.32 10.83
CA GLN B 166 -15.86 7.09 12.18
C GLN B 166 -15.66 8.30 13.07
N ASP B 167 -16.75 8.88 13.57
CA ASP B 167 -16.62 10.13 14.32
C ASP B 167 -15.72 9.94 15.52
N SER B 168 -14.97 11.01 15.84
CA SER B 168 -14.00 10.97 16.93
C SER B 168 -14.68 10.75 18.29
N LYS B 169 -15.79 11.44 18.53
CA LYS B 169 -16.37 11.41 19.87
C LYS B 169 -17.15 10.13 20.14
N ASP B 170 -18.07 9.76 19.24
CA ASP B 170 -19.03 8.68 19.50
C ASP B 170 -18.83 7.45 18.65
N SER B 171 -17.89 7.46 17.70
CA SER B 171 -17.51 6.31 16.89
C SER B 171 -18.68 5.81 16.03
N THR B 172 -19.22 6.74 15.26
CA THR B 172 -20.35 6.48 14.39
C THR B 172 -20.08 7.09 13.03
N TYR B 173 -20.69 6.50 12.03
CA TYR B 173 -20.64 7.04 10.68
C TYR B 173 -21.84 7.94 10.45
N SER B 174 -21.85 8.61 9.29
CA SER B 174 -23.04 9.30 8.81
C SER B 174 -23.00 9.32 7.30
N LEU B 175 -24.15 9.19 6.66
CA LEU B 175 -24.25 9.10 5.21
C LEU B 175 -25.13 10.21 4.68
N SER B 176 -24.78 10.73 3.50
CA SER B 176 -25.71 11.57 2.76
C SER B 176 -25.87 10.98 1.37
N SER B 177 -27.10 10.63 1.01
CA SER B 177 -27.44 10.24 -0.35
C SER B 177 -28.24 11.35 -0.99
N THR B 178 -28.20 11.40 -2.32
CA THR B 178 -28.74 12.57 -3.00
C THR B 178 -29.37 12.18 -4.32
N LEU B 179 -30.67 12.44 -4.46
CA LEU B 179 -31.37 12.20 -5.72
C LEU B 179 -31.24 13.46 -6.57
N THR B 180 -30.47 13.37 -7.63
CA THR B 180 -30.38 14.42 -8.63
C THR B 180 -31.31 14.06 -9.78
N LEU B 181 -32.15 15.00 -10.20
CA LEU B 181 -33.09 14.72 -11.27
C LEU B 181 -33.50 16.01 -11.99
N SER B 182 -33.89 15.86 -13.25
CA SER B 182 -34.23 16.99 -14.11
C SER B 182 -35.22 17.92 -13.43
N LYS B 183 -35.28 19.17 -13.88
CA LYS B 183 -36.19 20.11 -13.24
C LYS B 183 -37.65 19.70 -13.43
N ALA B 184 -38.02 19.34 -14.67
CA ALA B 184 -39.39 18.95 -14.92
C ALA B 184 -39.76 17.69 -14.16
N ASP B 185 -38.85 16.72 -14.09
CA ASP B 185 -39.12 15.49 -13.36
C ASP B 185 -39.51 15.79 -11.92
N TYR B 186 -38.74 16.67 -11.26
CA TYR B 186 -39.14 17.07 -9.91
C TYR B 186 -40.50 17.75 -9.92
N GLU B 187 -40.75 18.61 -10.91
CA GLU B 187 -42.02 19.31 -10.97
C GLU B 187 -43.17 18.40 -11.39
N LYS B 188 -42.87 17.36 -12.17
CA LYS B 188 -43.94 16.47 -12.64
C LYS B 188 -44.64 15.78 -11.47
N HIS B 189 -43.91 15.49 -10.39
CA HIS B 189 -44.35 14.54 -9.36
C HIS B 189 -44.56 15.24 -8.01
N LYS B 190 -45.05 14.46 -7.04
CA LYS B 190 -45.47 14.98 -5.74
C LYS B 190 -44.72 14.38 -4.57
N VAL B 191 -44.62 13.05 -4.51
CA VAL B 191 -44.22 12.33 -3.29
C VAL B 191 -42.76 11.93 -3.42
N TYR B 192 -41.90 12.54 -2.60
CA TYR B 192 -40.48 12.20 -2.55
C TYR B 192 -40.15 11.78 -1.13
N ALA B 193 -39.62 10.57 -0.98
CA ALA B 193 -39.20 10.07 0.32
C ALA B 193 -38.01 9.14 0.14
N CYS B 194 -37.23 8.97 1.21
CA CYS B 194 -36.17 8.00 1.26
CA CYS B 194 -36.17 7.99 1.25
C CYS B 194 -36.42 7.00 2.38
N GLU B 195 -35.94 5.77 2.15
CA GLU B 195 -36.16 4.65 3.04
C GLU B 195 -34.81 4.16 3.55
N VAL B 196 -34.67 4.07 4.87
CA VAL B 196 -33.43 3.67 5.51
C VAL B 196 -33.63 2.31 6.16
N THR B 197 -32.71 1.39 5.91
CA THR B 197 -32.72 0.08 6.56
C THR B 197 -31.40 -0.05 7.30
N HIS B 198 -31.46 -0.10 8.63
CA HIS B 198 -30.24 -0.21 9.41
C HIS B 198 -30.38 -1.33 10.43
N GLN B 199 -29.24 -1.86 10.82
CA GLN B 199 -29.18 -2.93 11.80
C GLN B 199 -30.10 -2.69 12.98
N GLY B 200 -30.39 -1.43 13.29
CA GLY B 200 -30.96 -1.13 14.58
C GLY B 200 -32.33 -0.51 14.58
N LEU B 201 -33.10 -0.68 13.49
CA LEU B 201 -34.34 0.05 13.33
C LEU B 201 -35.59 -0.79 13.51
N SER B 202 -35.44 -2.11 13.50
CA SER B 202 -36.54 -3.09 13.64
C SER B 202 -37.48 -3.08 12.44
N SER B 203 -37.40 -2.03 11.60
CA SER B 203 -38.32 -1.83 10.49
C SER B 203 -37.85 -0.66 9.62
N PRO B 204 -37.91 -0.80 8.28
CA PRO B 204 -37.42 0.29 7.42
C PRO B 204 -38.16 1.59 7.70
N VAL B 205 -37.39 2.65 7.87
CA VAL B 205 -37.91 3.96 8.24
C VAL B 205 -37.95 4.82 6.99
N THR B 206 -39.08 5.47 6.75
CA THR B 206 -39.23 6.35 5.61
C THR B 206 -39.41 7.78 6.09
N LYS B 207 -38.75 8.71 5.40
CA LYS B 207 -38.80 10.13 5.74
C LYS B 207 -39.12 10.92 4.47
N SER B 208 -40.23 11.66 4.50
CA SER B 208 -40.94 12.08 3.31
C SER B 208 -41.25 13.57 3.31
N PHE B 209 -41.33 14.15 2.11
CA PHE B 209 -41.78 15.52 1.87
C PHE B 209 -42.55 15.55 0.56
N ASN B 210 -43.48 16.49 0.45
CA ASN B 210 -44.27 16.72 -0.76
C ASN B 210 -43.89 18.05 -1.40
N ARG B 211 -43.80 18.06 -2.74
CA ARG B 211 -43.32 19.26 -3.44
C ARG B 211 -44.18 20.47 -3.11
N GLY B 212 -43.53 21.54 -2.64
CA GLY B 212 -44.27 22.71 -2.22
C GLY B 212 -44.99 22.56 -0.90
N GLU B 213 -44.58 21.61 -0.07
CA GLU B 213 -45.21 21.31 1.22
C GLU B 213 -46.68 20.95 1.04
N CYS B 214 -46.91 19.83 0.34
CA CYS B 214 -48.28 19.33 0.12
C CYS B 214 -48.57 18.10 0.98
N THR C 1 26.85 -27.09 25.34
CA THR C 1 25.84 -28.14 25.39
C THR C 1 24.62 -27.80 24.51
N ASN C 2 24.64 -26.61 23.92
CA ASN C 2 23.56 -26.14 23.06
C ASN C 2 23.96 -26.23 21.59
N LEU C 3 22.96 -26.34 20.73
CA LEU C 3 23.09 -26.80 19.35
C LEU C 3 23.61 -25.71 18.43
N CYS C 4 24.22 -26.15 17.27
CA CYS C 4 24.75 -25.29 16.23
C CYS C 4 23.66 -24.94 15.23
N PRO C 5 23.44 -23.67 14.97
CA PRO C 5 22.26 -23.22 14.22
C PRO C 5 22.46 -23.28 12.70
N PHE C 6 22.77 -24.47 12.19
CA PHE C 6 22.83 -24.64 10.74
C PHE C 6 21.50 -24.29 10.09
N GLY C 7 20.39 -24.53 10.79
CA GLY C 7 19.10 -24.19 10.24
C GLY C 7 18.98 -22.71 9.91
N GLU C 8 19.57 -21.86 10.75
CA GLU C 8 19.52 -20.44 10.45
C GLU C 8 20.22 -20.13 9.14
N VAL C 9 21.18 -20.98 8.75
CA VAL C 9 21.99 -20.83 7.55
C VAL C 9 21.27 -21.43 6.37
N PHE C 10 21.04 -22.73 6.43
CA PHE C 10 20.51 -23.44 5.27
C PHE C 10 19.07 -23.07 5.02
N ASN C 11 18.24 -23.07 6.06
CA ASN C 11 16.82 -22.78 5.91
C ASN C 11 16.53 -21.29 6.01
N ALA C 12 17.49 -20.43 5.69
CA ALA C 12 17.24 -18.98 5.69
C ALA C 12 16.30 -18.58 4.55
N THR C 13 15.34 -17.70 4.85
CA THR C 13 14.44 -17.28 3.78
C THR C 13 15.21 -16.56 2.67
N ARG C 14 16.10 -15.63 3.02
CA ARG C 14 16.90 -14.91 2.04
C ARG C 14 18.37 -15.31 2.11
N PHE C 15 19.03 -15.19 0.96
CA PHE C 15 20.44 -15.50 0.78
C PHE C 15 21.13 -14.28 0.19
N ALA C 16 22.46 -14.23 0.38
CA ALA C 16 23.25 -13.08 -0.02
C ALA C 16 23.57 -13.07 -1.51
N SER C 17 23.74 -11.87 -2.06
CA SER C 17 24.41 -11.75 -3.35
C SER C 17 25.87 -12.22 -3.21
N VAL C 18 26.34 -12.98 -4.20
CA VAL C 18 27.66 -13.59 -4.04
C VAL C 18 28.71 -12.52 -3.85
N TYR C 19 28.57 -11.39 -4.55
CA TYR C 19 29.56 -10.35 -4.39
C TYR C 19 29.66 -9.91 -2.94
N ALA C 20 28.52 -9.77 -2.27
CA ALA C 20 28.48 -9.42 -0.86
C ALA C 20 28.18 -10.63 0.01
N TRP C 21 28.80 -11.75 -0.35
CA TRP C 21 28.50 -13.03 0.28
C TRP C 21 28.51 -12.94 1.78
N ASN C 22 27.83 -13.87 2.42
CA ASN C 22 27.63 -13.87 3.84
C ASN C 22 28.49 -14.92 4.50
N ARG C 23 28.95 -14.62 5.70
CA ARG C 23 29.79 -15.55 6.45
C ARG C 23 29.29 -15.54 7.88
N LYS C 24 28.95 -16.72 8.40
CA LYS C 24 28.44 -16.85 9.76
C LYS C 24 29.42 -17.73 10.49
N ARG C 25 29.82 -17.30 11.68
CA ARG C 25 30.80 -18.05 12.44
C ARG C 25 30.08 -18.99 13.39
N ILE C 26 30.49 -20.24 13.41
CA ILE C 26 29.88 -21.21 14.28
C ILE C 26 30.83 -21.48 15.43
N SER C 27 30.51 -20.92 16.59
CA SER C 27 31.32 -21.01 17.80
C SER C 27 30.94 -22.28 18.55
N ASN C 28 31.30 -22.37 19.82
CA ASN C 28 31.07 -23.57 20.62
C ASN C 28 29.61 -24.01 20.59
N CYS C 29 29.39 -25.22 20.05
CA CYS C 29 28.10 -25.88 19.99
C CYS C 29 28.32 -27.24 19.35
N VAL C 30 27.28 -28.06 19.21
CA VAL C 30 27.38 -29.37 18.54
C VAL C 30 26.21 -29.50 17.58
N ALA C 31 26.50 -29.78 16.31
CA ALA C 31 25.47 -30.21 15.36
C ALA C 31 26.07 -31.27 14.45
N ASP C 32 25.20 -32.08 13.86
CA ASP C 32 25.65 -33.27 13.17
C ASP C 32 25.83 -32.98 11.69
N TYR C 33 27.02 -33.30 11.18
CA TYR C 33 27.26 -33.21 9.75
C TYR C 33 26.42 -34.23 9.00
N SER C 34 26.50 -35.51 9.40
CA SER C 34 25.85 -36.58 8.68
C SER C 34 24.34 -36.35 8.47
N VAL C 35 23.75 -35.42 9.22
CA VAL C 35 22.37 -35.01 8.95
C VAL C 35 22.22 -34.59 7.50
N LEU C 36 23.13 -33.73 7.06
CA LEU C 36 23.08 -33.25 5.68
C LEU C 36 23.64 -34.29 4.73
N TYR C 37 24.70 -35.00 5.15
CA TYR C 37 25.24 -36.12 4.39
C TYR C 37 24.13 -37.02 3.86
N ASN C 38 23.14 -37.31 4.71
CA ASN C 38 21.97 -38.08 4.30
C ASN C 38 20.87 -37.21 3.71
N SER C 39 20.99 -35.88 3.80
CA SER C 39 19.86 -35.03 3.46
C SER C 39 19.46 -35.19 1.99
N ALA C 40 20.45 -35.26 1.10
CA ALA C 40 20.20 -35.56 -0.32
C ALA C 40 19.16 -34.62 -0.92
N SER C 41 18.93 -33.50 -0.28
CA SER C 41 18.37 -32.35 -0.95
C SER C 41 19.45 -31.55 -1.66
N PHE C 42 20.65 -32.13 -1.78
CA PHE C 42 21.87 -31.42 -2.16
C PHE C 42 22.42 -31.97 -3.48
N SER C 43 22.58 -31.09 -4.46
CA SER C 43 23.15 -31.49 -5.74
C SER C 43 24.67 -31.38 -5.75
N THR C 44 25.24 -30.45 -5.00
CA THR C 44 26.68 -30.34 -4.87
C THR C 44 27.03 -30.40 -3.40
N PHE C 45 27.79 -31.41 -3.04
CA PHE C 45 28.29 -31.64 -1.69
C PHE C 45 29.70 -32.23 -1.83
N LYS C 46 30.70 -31.36 -1.91
CA LYS C 46 32.07 -31.81 -2.03
C LYS C 46 32.87 -31.29 -0.85
N CYS C 47 33.68 -32.17 -0.27
CA CYS C 47 34.55 -31.82 0.84
C CYS C 47 36.00 -32.04 0.44
N TYR C 48 36.85 -31.18 0.97
CA TYR C 48 38.26 -31.16 0.66
C TYR C 48 39.12 -31.49 1.86
N GLY C 49 38.64 -31.21 3.07
CA GLY C 49 39.33 -31.68 4.24
C GLY C 49 39.20 -33.18 4.42
N VAL C 50 38.01 -33.63 4.81
CA VAL C 50 37.82 -35.05 5.13
C VAL C 50 36.34 -35.36 4.99
N SER C 51 36.03 -36.65 4.89
CA SER C 51 34.65 -37.06 4.81
C SER C 51 33.91 -36.56 6.04
N PRO C 52 32.64 -36.15 5.89
CA PRO C 52 31.89 -35.56 7.01
C PRO C 52 31.75 -36.50 8.20
N THR C 53 32.36 -37.67 8.11
CA THR C 53 32.32 -38.65 9.16
C THR C 53 33.18 -38.21 10.36
N LYS C 54 32.59 -37.47 11.30
CA LYS C 54 33.19 -37.31 12.62
C LYS C 54 32.17 -37.51 13.73
N LEU C 55 30.87 -37.30 13.42
CA LEU C 55 29.69 -37.72 14.18
C LEU C 55 29.40 -36.89 15.45
N ASN C 56 30.25 -35.94 15.81
CA ASN C 56 30.10 -35.11 17.02
C ASN C 56 30.50 -33.68 16.63
N ASP C 57 30.82 -32.83 17.60
CA ASP C 57 31.71 -31.69 17.31
C ASP C 57 33.18 -32.13 17.40
N LEU C 58 33.48 -33.26 16.75
CA LEU C 58 34.77 -33.92 16.98
C LEU C 58 35.88 -33.08 16.40
N CYS C 59 36.80 -32.64 17.27
CA CYS C 59 38.07 -32.02 16.91
C CYS C 59 37.89 -30.77 16.04
N PHE C 60 37.11 -29.80 16.53
CA PHE C 60 36.96 -28.53 15.81
C PHE C 60 36.79 -27.35 16.74
N THR C 61 37.50 -26.25 16.42
CA THR C 61 37.52 -25.06 17.27
C THR C 61 36.72 -23.89 16.72
N ASN C 62 36.58 -23.79 15.39
CA ASN C 62 35.73 -22.76 14.78
C ASN C 62 35.29 -23.23 13.41
N VAL C 63 34.03 -22.93 13.06
CA VAL C 63 33.44 -23.36 11.80
C VAL C 63 32.78 -22.16 11.15
N TYR C 64 33.18 -21.86 9.91
CA TYR C 64 32.72 -20.69 9.19
C TYR C 64 31.81 -21.15 8.07
N ALA C 65 30.58 -20.67 8.10
CA ALA C 65 29.59 -21.01 7.10
C ALA C 65 29.41 -19.80 6.20
N ASP C 66 29.99 -19.88 5.00
CA ASP C 66 29.78 -18.88 3.97
C ASP C 66 28.60 -19.32 3.12
N SER C 67 27.69 -18.39 2.83
CA SER C 67 26.57 -18.72 1.98
C SER C 67 26.34 -17.58 1.01
N PHE C 68 25.76 -17.90 -0.15
CA PHE C 68 25.40 -16.93 -1.19
C PHE C 68 24.67 -17.62 -2.33
N VAL C 69 24.23 -16.84 -3.33
CA VAL C 69 23.60 -17.39 -4.53
C VAL C 69 24.38 -16.94 -5.76
N ILE C 70 24.78 -17.92 -6.59
CA ILE C 70 25.32 -17.76 -7.93
C ILE C 70 24.44 -18.54 -8.89
N ARG C 71 24.68 -18.40 -10.20
CA ARG C 71 23.92 -19.17 -11.16
C ARG C 71 24.52 -20.56 -11.34
N GLY C 72 23.75 -21.39 -12.05
CA GLY C 72 23.96 -22.81 -12.00
C GLY C 72 25.30 -23.26 -12.54
N ASP C 73 25.76 -22.69 -13.65
CA ASP C 73 27.07 -23.09 -14.18
C ASP C 73 28.20 -22.73 -13.24
N GLU C 74 28.01 -21.66 -12.45
CA GLU C 74 29.11 -21.07 -11.71
C GLU C 74 29.52 -21.89 -10.51
N VAL C 75 28.70 -22.86 -10.09
CA VAL C 75 29.02 -23.61 -8.88
C VAL C 75 30.39 -24.28 -9.00
N ARG C 76 30.76 -24.76 -10.19
CA ARG C 76 32.05 -25.43 -10.32
C ARG C 76 33.24 -24.51 -10.07
N GLN C 77 32.97 -23.22 -9.84
CA GLN C 77 33.98 -22.25 -9.46
C GLN C 77 34.20 -22.19 -7.97
N ILE C 78 33.32 -22.78 -7.17
CA ILE C 78 33.51 -22.77 -5.72
C ILE C 78 34.31 -24.03 -5.42
N ALA C 79 35.61 -23.92 -5.64
CA ALA C 79 36.58 -24.99 -5.46
C ALA C 79 37.95 -24.36 -5.34
N PRO C 80 38.92 -25.06 -4.78
CA PRO C 80 40.29 -24.58 -4.86
C PRO C 80 40.73 -24.48 -6.31
N GLY C 81 41.21 -23.29 -6.69
CA GLY C 81 41.93 -23.16 -7.93
C GLY C 81 41.13 -22.82 -9.14
N GLN C 82 39.95 -22.25 -8.99
CA GLN C 82 39.19 -21.86 -10.15
C GLN C 82 39.45 -20.41 -10.50
N THR C 83 39.02 -20.00 -11.70
CA THR C 83 39.46 -18.73 -12.24
C THR C 83 38.38 -17.94 -13.01
N GLY C 84 37.09 -18.20 -12.80
CA GLY C 84 36.06 -17.44 -13.49
C GLY C 84 35.71 -16.12 -12.82
N ASN C 85 34.55 -15.57 -13.21
CA ASN C 85 34.11 -14.29 -12.64
C ASN C 85 33.81 -14.41 -11.18
N ILE C 86 33.38 -15.58 -10.74
CA ILE C 86 33.02 -15.67 -9.35
C ILE C 86 34.25 -15.90 -8.51
N ALA C 87 35.15 -16.76 -9.01
CA ALA C 87 36.42 -17.01 -8.32
C ALA C 87 37.32 -15.80 -8.35
N ASP C 88 37.41 -15.14 -9.51
CA ASP C 88 38.28 -13.98 -9.59
C ASP C 88 37.72 -12.78 -8.83
N TYR C 89 36.42 -12.44 -8.98
CA TYR C 89 35.91 -11.18 -8.42
C TYR C 89 34.90 -11.32 -7.30
N ASN C 90 34.46 -12.48 -6.94
CA ASN C 90 33.41 -12.41 -5.94
C ASN C 90 33.65 -13.31 -4.75
N TYR C 91 34.19 -14.50 -4.96
CA TYR C 91 34.38 -15.38 -3.81
C TYR C 91 35.46 -16.39 -4.20
N LYS C 92 36.67 -16.24 -3.62
CA LYS C 92 37.82 -17.09 -3.93
C LYS C 92 38.19 -17.91 -2.70
N LEU C 93 38.22 -19.19 -2.85
CA LEU C 93 38.70 -20.12 -1.83
C LEU C 93 40.20 -20.27 -1.92
N PRO C 94 40.82 -20.46 -0.75
CA PRO C 94 42.26 -20.75 -0.72
C PRO C 94 42.56 -22.03 -1.48
N ASP C 95 43.76 -22.10 -2.06
CA ASP C 95 44.14 -23.33 -2.76
C ASP C 95 44.21 -24.52 -1.82
N ASP C 96 44.65 -24.28 -0.59
CA ASP C 96 44.71 -25.28 0.45
C ASP C 96 43.45 -25.30 1.31
N PHE C 97 42.33 -24.84 0.75
CA PHE C 97 41.04 -24.96 1.39
C PHE C 97 40.83 -26.36 1.93
N THR C 98 40.31 -26.44 3.13
CA THR C 98 39.84 -27.69 3.69
C THR C 98 38.50 -27.39 4.31
N GLY C 99 37.46 -28.00 3.75
CA GLY C 99 36.08 -27.59 4.02
C GLY C 99 35.20 -28.26 2.99
N CYS C 100 33.90 -27.96 3.07
CA CYS C 100 32.89 -28.55 2.20
C CYS C 100 32.17 -27.46 1.43
N VAL C 101 32.00 -27.69 0.12
CA VAL C 101 31.12 -26.87 -0.70
C VAL C 101 29.79 -27.57 -0.81
N ILE C 102 28.71 -26.87 -0.47
CA ILE C 102 27.39 -27.45 -0.53
C ILE C 102 26.51 -26.51 -1.35
N ALA C 103 25.87 -27.07 -2.37
CA ALA C 103 25.06 -26.30 -3.29
C ALA C 103 23.80 -27.09 -3.62
N TRP C 104 22.74 -26.35 -3.95
CA TRP C 104 21.45 -26.98 -4.18
C TRP C 104 20.57 -25.98 -4.92
N ASN C 105 19.69 -26.52 -5.77
CA ASN C 105 18.98 -25.70 -6.74
C ASN C 105 17.83 -24.96 -6.08
N SER C 106 17.80 -23.66 -6.29
CA SER C 106 16.86 -22.79 -5.62
C SER C 106 16.00 -22.10 -6.64
N ASN C 107 15.84 -22.74 -7.79
CA ASN C 107 14.99 -22.17 -8.83
C ASN C 107 13.62 -21.87 -8.26
N ASN C 108 13.13 -22.74 -7.39
CA ASN C 108 11.77 -22.52 -6.95
C ASN C 108 11.70 -21.37 -5.94
N LEU C 109 12.78 -21.10 -5.20
CA LEU C 109 12.73 -20.03 -4.21
C LEU C 109 13.18 -18.68 -4.74
N ASP C 110 14.32 -18.64 -5.45
CA ASP C 110 14.94 -17.36 -5.82
C ASP C 110 14.59 -16.92 -7.23
N SER C 111 14.00 -17.76 -8.06
CA SER C 111 13.61 -17.26 -9.36
C SER C 111 12.26 -16.56 -9.26
N LYS C 112 12.01 -15.66 -10.21
CA LYS C 112 10.81 -14.84 -10.20
C LYS C 112 10.34 -14.64 -11.63
N VAL C 113 9.03 -14.86 -11.86
CA VAL C 113 8.43 -14.41 -13.10
C VAL C 113 8.63 -12.90 -13.19
N GLY C 114 9.09 -12.43 -14.35
CA GLY C 114 9.65 -11.10 -14.49
C GLY C 114 11.13 -10.98 -14.15
N GLY C 115 11.70 -11.90 -13.37
CA GLY C 115 13.12 -11.89 -13.10
C GLY C 115 13.51 -11.26 -11.78
N ASN C 116 14.38 -11.93 -11.01
CA ASN C 116 14.67 -11.52 -9.64
C ASN C 116 15.95 -10.69 -9.62
N TYR C 117 15.81 -9.39 -9.78
CA TYR C 117 16.98 -8.55 -9.89
C TYR C 117 17.69 -8.31 -8.55
N ASN C 118 17.19 -8.92 -7.47
CA ASN C 118 17.82 -8.75 -6.16
C ASN C 118 19.25 -9.27 -6.17
N TYR C 119 19.46 -10.46 -6.73
CA TYR C 119 20.75 -11.12 -6.69
C TYR C 119 21.73 -10.55 -7.70
N LEU C 120 22.96 -10.34 -7.24
CA LEU C 120 23.96 -9.53 -7.92
C LEU C 120 25.32 -10.21 -7.84
N TYR C 121 26.17 -9.89 -8.82
CA TYR C 121 27.55 -10.35 -8.83
C TYR C 121 28.42 -9.27 -9.45
N ARG C 122 29.69 -9.22 -8.98
CA ARG C 122 30.67 -8.24 -9.48
C ARG C 122 31.33 -8.73 -10.73
N LEU C 123 31.47 -7.84 -11.70
CA LEU C 123 31.76 -8.18 -13.09
C LEU C 123 33.17 -7.82 -13.50
N PHE C 124 33.67 -6.62 -13.19
CA PHE C 124 35.09 -6.33 -13.30
C PHE C 124 35.65 -6.02 -11.92
N ARG C 125 36.97 -6.03 -11.85
CA ARG C 125 37.73 -5.61 -10.68
C ARG C 125 39.15 -5.40 -11.11
N LYS C 126 39.81 -4.36 -10.57
CA LYS C 126 41.17 -4.05 -10.97
C LYS C 126 42.07 -5.27 -10.85
N SER C 127 42.00 -5.97 -9.73
CA SER C 127 42.81 -7.16 -9.53
C SER C 127 41.93 -8.22 -8.89
N ASN C 128 42.35 -9.48 -9.02
CA ASN C 128 41.63 -10.58 -8.40
C ASN C 128 41.54 -10.38 -6.90
N LEU C 129 40.66 -11.15 -6.27
CA LEU C 129 40.53 -11.12 -4.82
C LEU C 129 41.39 -12.22 -4.24
N LYS C 130 42.12 -11.90 -3.17
CA LYS C 130 42.73 -12.94 -2.37
C LYS C 130 41.64 -13.82 -1.75
N PRO C 131 41.94 -15.05 -1.33
CA PRO C 131 40.85 -15.95 -0.95
C PRO C 131 40.23 -15.52 0.37
N PHE C 132 38.90 -15.52 0.42
CA PHE C 132 38.04 -14.96 1.44
C PHE C 132 38.12 -13.45 1.54
N GLU C 133 38.94 -12.78 0.74
CA GLU C 133 38.78 -11.33 0.62
C GLU C 133 37.41 -11.05 0.02
N ARG C 134 36.92 -9.82 0.25
CA ARG C 134 35.58 -9.41 -0.14
C ARG C 134 35.58 -7.98 -0.65
N ASP C 135 34.61 -7.68 -1.51
CA ASP C 135 34.47 -6.37 -2.11
C ASP C 135 32.98 -6.05 -2.19
N ILE C 136 32.53 -5.08 -1.38
CA ILE C 136 31.15 -4.64 -1.42
C ILE C 136 31.02 -3.26 -2.07
N SER C 137 32.09 -2.76 -2.67
CA SER C 137 32.06 -1.42 -3.24
C SER C 137 31.05 -1.35 -4.37
N THR C 138 30.50 -0.15 -4.59
CA THR C 138 29.61 0.10 -5.72
C THR C 138 30.00 1.38 -6.45
N GLU C 139 31.26 1.50 -6.78
CA GLU C 139 31.77 2.69 -7.43
C GLU C 139 31.54 2.62 -8.94
N ILE C 140 30.71 3.53 -9.46
CA ILE C 140 30.66 3.74 -10.90
C ILE C 140 32.05 4.09 -11.43
N TYR C 141 32.35 3.63 -12.65
CA TYR C 141 33.63 3.94 -13.31
C TYR C 141 33.59 5.32 -13.98
N GLN C 142 34.57 5.61 -14.84
CA GLN C 142 34.55 6.85 -15.64
C GLN C 142 35.23 6.63 -17.00
N CYS C 156 31.98 6.29 -17.46
CA CYS C 156 31.13 6.20 -16.27
C CYS C 156 30.19 4.97 -16.32
N TYR C 157 30.72 3.79 -15.94
CA TYR C 157 30.05 2.51 -16.16
C TYR C 157 30.20 1.61 -14.92
N PHE C 158 29.15 0.82 -14.64
CA PHE C 158 28.74 0.26 -13.34
C PHE C 158 29.24 -1.18 -13.16
N PRO C 159 29.75 -1.55 -11.99
CA PRO C 159 30.50 -2.81 -11.85
C PRO C 159 29.69 -4.02 -11.39
N LEU C 160 28.41 -3.89 -11.08
CA LEU C 160 27.64 -5.03 -10.65
C LEU C 160 26.60 -5.37 -11.72
N GLN C 161 26.24 -6.63 -11.81
CA GLN C 161 25.19 -7.05 -12.74
C GLN C 161 24.23 -7.97 -12.03
N SER C 162 22.99 -7.97 -12.52
CA SER C 162 21.99 -8.84 -11.95
C SER C 162 21.85 -10.13 -12.74
N TYR C 163 21.71 -11.23 -12.02
CA TYR C 163 21.30 -12.47 -12.65
C TYR C 163 19.89 -12.36 -13.25
N GLY C 164 18.96 -11.81 -12.48
CA GLY C 164 17.57 -11.69 -12.89
C GLY C 164 16.93 -13.04 -13.12
N PHE C 165 17.16 -13.96 -12.19
CA PHE C 165 16.65 -15.32 -12.29
C PHE C 165 15.18 -15.31 -12.59
N GLN C 166 14.81 -16.02 -13.65
CA GLN C 166 13.44 -16.38 -13.92
C GLN C 166 13.39 -17.87 -14.19
N PRO C 167 12.30 -18.53 -13.81
CA PRO C 167 12.32 -20.01 -13.68
C PRO C 167 12.26 -20.80 -14.98
N THR C 168 12.18 -20.14 -16.14
CA THR C 168 12.30 -20.89 -17.39
C THR C 168 13.73 -20.96 -17.92
N TYR C 169 14.66 -20.18 -17.37
CA TYR C 169 16.07 -20.31 -17.67
C TYR C 169 16.51 -21.75 -17.48
N GLY C 170 17.50 -22.18 -18.26
CA GLY C 170 18.03 -23.53 -18.11
C GLY C 170 18.83 -23.68 -16.83
N VAL C 171 18.94 -24.92 -16.35
CA VAL C 171 19.59 -25.18 -15.06
C VAL C 171 20.97 -24.53 -14.99
N GLY C 172 21.56 -24.27 -16.15
CA GLY C 172 22.79 -23.51 -16.17
C GLY C 172 22.64 -22.07 -15.74
N TYR C 173 21.42 -21.53 -15.79
CA TYR C 173 21.22 -20.13 -15.42
C TYR C 173 20.33 -19.95 -14.22
N GLN C 174 19.75 -21.01 -13.70
CA GLN C 174 18.86 -20.91 -12.56
C GLN C 174 19.67 -20.66 -11.29
N PRO C 175 19.04 -20.10 -10.26
CA PRO C 175 19.75 -19.86 -9.01
C PRO C 175 20.22 -21.14 -8.33
N TYR C 176 21.40 -21.04 -7.69
CA TYR C 176 21.92 -22.08 -6.81
C TYR C 176 22.29 -21.46 -5.47
N ARG C 177 21.92 -22.14 -4.39
CA ARG C 177 22.23 -21.67 -3.06
C ARG C 177 23.43 -22.45 -2.59
N VAL C 178 24.47 -21.73 -2.15
CA VAL C 178 25.75 -22.35 -1.84
C VAL C 178 26.09 -22.09 -0.39
N VAL C 179 26.55 -23.13 0.28
CA VAL C 179 27.03 -23.04 1.65
C VAL C 179 28.43 -23.62 1.67
N VAL C 180 29.39 -22.83 2.12
CA VAL C 180 30.79 -23.22 2.13
C VAL C 180 31.23 -23.26 3.57
N LEU C 181 31.62 -24.44 4.05
CA LEU C 181 31.93 -24.62 5.46
C LEU C 181 33.44 -24.71 5.62
N SER C 182 34.06 -23.64 6.09
CA SER C 182 35.47 -23.69 6.46
C SER C 182 35.63 -24.23 7.87
N PHE C 183 36.82 -24.73 8.16
CA PHE C 183 37.07 -25.37 9.45
C PHE C 183 38.39 -24.91 10.05
N LEU C 184 38.31 -24.18 11.16
CA LEU C 184 39.48 -23.73 11.90
C LEU C 184 39.89 -24.75 12.95
N LEU C 185 41.19 -25.00 13.05
CA LEU C 185 41.73 -25.85 14.11
C LEU C 185 42.49 -25.07 15.17
N LEU C 186 42.85 -23.81 14.90
CA LEU C 186 43.78 -23.08 15.76
C LEU C 186 43.24 -22.93 17.18
N HIS C 187 44.08 -23.25 18.16
CA HIS C 187 43.73 -23.09 19.58
C HIS C 187 44.99 -23.21 20.45
C1 NAG D . 15.49 -27.45 7.27
C2 NAG D . 16.36 -28.34 8.23
C3 NAG D . 16.21 -29.84 7.90
C4 NAG D . 14.75 -30.23 7.82
C5 NAG D . 14.08 -29.36 6.77
C6 NAG D . 12.65 -29.72 6.47
C7 NAG D . 18.53 -27.74 9.23
C8 NAG D . 19.95 -27.35 8.96
N2 NAG D . 17.76 -27.94 8.15
O3 NAG D . 16.90 -30.63 8.86
O4 NAG D . 14.57 -31.62 7.54
O5 NAG D . 14.12 -27.99 7.22
O6 NAG D . 12.04 -30.39 7.57
O7 NAG D . 18.09 -27.88 10.38
C1 FUC D . 11.25 -29.38 8.25
C2 FUC D . 11.52 -29.52 9.80
C3 FUC D . 11.73 -28.11 10.43
C4 FUC D . 10.61 -27.12 9.90
C5 FUC D . 10.86 -26.81 8.43
C6 FUC D . 9.59 -26.37 7.68
O2 FUC D . 12.59 -30.52 10.12
O3 FUC D . 11.69 -28.13 11.87
O4 FUC D . 9.32 -27.71 10.02
O5 FUC D . 11.45 -27.98 7.73
#